data_1FKX
#
_entry.id   1FKX
#
_cell.length_a   102.710
_cell.length_b   94.070
_cell.length_c   73.080
_cell.angle_alpha   90.00
_cell.angle_beta   127.27
_cell.angle_gamma   90.00
#
_symmetry.space_group_name_H-M   'C 1 2 1'
#
loop_
_entity.id
_entity.type
_entity.pdbx_description
1 polymer 'ADENOSINE DEAMINASE'
2 non-polymer 'ZINC ION'
3 non-polymer '6-HYDROXY-1,6-DIHYDRO PURINE NUCLEOSIDE'
4 water water
#
_entity_poly.entity_id   1
_entity_poly.type   'polypeptide(L)'
_entity_poly.pdbx_seq_one_letter_code
;TPAFNKPKVELHVHLDGAIKPETILYFGKKRGIALPADTVEELRNIIGMDKPLSLPGFLAKFDYYMPVIAGCREAIKRIA
YEFVEMKAKEGVVYVEVRYSPHLLANSKVDPMPWNQTEGDVTPDDVVDLVNQGLQEGEQAFGIKVRSILCCMRHQPSWSL
EVLELCKKYNQKTVVAMDLAGDETIEGSSLFPGHVEAYEGAVKNGIHRTVHAGEVGSPEVVREAVDILKTERVGHGYHTI
EDEALYNRLLKENMHFEVCPWSSYLTGAWDPKTTHAVVRFKNDKANYSLNTDAPLIFKSTLDTDYQMTKKDMGFTEEEFK
RLNINAAKSSFLPEEEKKELLERLYREYQ
;
_entity_poly.pdbx_strand_id   A
#
# COMPACT_ATOMS: atom_id res chain seq x y z
N THR A 1 4.30 -20.33 -16.32
CA THR A 1 3.16 -20.65 -15.40
C THR A 1 3.03 -19.59 -14.31
N PRO A 2 2.42 -18.43 -14.63
CA PRO A 2 2.29 -17.41 -13.59
C PRO A 2 0.95 -17.31 -12.88
N ALA A 3 0.34 -18.42 -12.47
CA ALA A 3 -0.96 -18.40 -11.75
C ALA A 3 -2.10 -17.65 -12.46
N PHE A 4 -1.90 -16.36 -12.73
CA PHE A 4 -2.88 -15.58 -13.44
C PHE A 4 -2.16 -14.73 -14.47
N ASN A 5 -1.95 -15.30 -15.63
CA ASN A 5 -1.29 -14.60 -16.72
C ASN A 5 -2.26 -13.70 -17.47
N LYS A 6 -2.96 -12.83 -16.76
CA LYS A 6 -3.92 -11.89 -17.35
C LYS A 6 -3.80 -10.58 -16.59
N PRO A 7 -4.25 -9.46 -17.20
CA PRO A 7 -4.21 -8.14 -16.59
C PRO A 7 -4.66 -8.14 -15.14
N LYS A 8 -4.03 -7.31 -14.33
CA LYS A 8 -4.40 -7.26 -12.92
C LYS A 8 -4.48 -5.82 -12.48
N VAL A 9 -5.06 -5.63 -11.31
CA VAL A 9 -5.25 -4.31 -10.71
C VAL A 9 -4.72 -4.41 -9.28
N GLU A 10 -3.76 -3.56 -8.92
CA GLU A 10 -3.22 -3.61 -7.58
C GLU A 10 -3.62 -2.36 -6.80
N LEU A 11 -4.27 -2.59 -5.67
CA LEU A 11 -4.76 -1.50 -4.84
C LEU A 11 -3.99 -1.25 -3.54
N HIS A 12 -3.15 -2.19 -3.16
CA HIS A 12 -2.42 -2.08 -1.89
C HIS A 12 -0.92 -2.40 -1.91
N VAL A 13 -0.11 -1.40 -2.17
CA VAL A 13 1.35 -1.55 -2.19
C VAL A 13 2.05 -0.23 -1.83
N HIS A 14 3.06 -0.29 -0.94
CA HIS A 14 3.82 0.91 -0.52
C HIS A 14 5.03 1.13 -1.41
N LEU A 15 5.22 2.35 -1.87
CA LEU A 15 6.32 2.67 -2.76
C LEU A 15 7.66 2.41 -2.11
N ASP A 16 7.84 2.93 -0.91
CA ASP A 16 9.09 2.78 -0.15
C ASP A 16 9.28 1.33 0.33
N GLY A 17 8.34 0.46 -0.07
CA GLY A 17 8.41 -0.95 0.26
C GLY A 17 8.55 -1.80 -1.00
N ALA A 18 8.88 -1.17 -2.12
CA ALA A 18 9.04 -1.87 -3.39
C ALA A 18 10.11 -1.22 -4.23
N ILE A 19 11.30 -1.11 -3.65
CA ILE A 19 12.46 -0.52 -4.31
C ILE A 19 13.36 -1.68 -4.71
N LYS A 20 14.14 -1.45 -5.75
CA LYS A 20 15.07 -2.46 -6.22
C LYS A 20 16.30 -2.42 -5.31
N PRO A 21 16.78 -3.60 -4.88
CA PRO A 21 17.97 -3.61 -4.02
C PRO A 21 19.13 -2.90 -4.71
N GLU A 22 19.15 -2.94 -6.04
CA GLU A 22 20.17 -2.31 -6.86
C GLU A 22 20.15 -0.80 -6.72
N THR A 23 18.97 -0.20 -6.68
CA THR A 23 18.86 1.25 -6.53
C THR A 23 19.31 1.64 -5.11
N ILE A 24 18.93 0.83 -4.14
CA ILE A 24 19.28 1.04 -2.73
C ILE A 24 20.80 1.06 -2.62
N LEU A 25 21.42 0.06 -3.24
CA LEU A 25 22.85 -0.05 -3.23
C LEU A 25 23.47 1.18 -3.91
N TYR A 26 22.93 1.59 -5.04
CA TYR A 26 23.49 2.71 -5.76
C TYR A 26 23.53 3.99 -4.97
N PHE A 27 22.44 4.35 -4.31
CA PHE A 27 22.46 5.60 -3.56
C PHE A 27 23.23 5.52 -2.24
N GLY A 28 23.48 4.32 -1.75
CA GLY A 28 24.23 4.18 -0.51
C GLY A 28 25.63 4.70 -0.77
N LYS A 29 26.24 4.14 -1.81
CA LYS A 29 27.58 4.52 -2.23
C LYS A 29 27.63 5.99 -2.63
N LYS A 30 26.71 6.37 -3.52
CA LYS A 30 26.62 7.73 -4.01
C LYS A 30 26.52 8.80 -2.92
N ARG A 31 25.83 8.51 -1.83
CA ARG A 31 25.68 9.52 -0.79
C ARG A 31 26.56 9.23 0.41
N GLY A 32 27.27 8.12 0.36
CA GLY A 32 28.13 7.79 1.48
C GLY A 32 27.34 7.46 2.73
N ILE A 33 26.19 6.83 2.52
CA ILE A 33 25.33 6.42 3.62
C ILE A 33 25.51 4.91 3.77
N ALA A 34 25.57 4.46 5.02
CA ALA A 34 25.80 3.06 5.35
C ALA A 34 24.62 2.13 5.19
N LEU A 35 24.86 0.99 4.57
CA LEU A 35 23.83 -0.02 4.38
C LEU A 35 24.30 -1.21 5.20
N PRO A 36 23.41 -2.16 5.50
CA PRO A 36 23.81 -3.34 6.27
C PRO A 36 24.51 -4.40 5.42
N ALA A 37 24.76 -4.13 4.14
CA ALA A 37 25.44 -5.09 3.23
C ALA A 37 25.79 -4.37 1.93
N ASP A 38 26.83 -4.84 1.23
CA ASP A 38 27.29 -4.19 -0.01
C ASP A 38 27.14 -5.04 -1.26
N THR A 39 26.19 -5.97 -1.18
CA THR A 39 25.88 -6.92 -2.22
C THR A 39 24.37 -6.98 -2.27
N VAL A 40 23.77 -6.90 -3.47
CA VAL A 40 22.30 -6.96 -3.54
C VAL A 40 21.74 -8.21 -2.86
N GLU A 41 22.45 -9.33 -3.00
CA GLU A 41 22.02 -10.58 -2.39
C GLU A 41 21.96 -10.51 -0.88
N GLU A 42 23.07 -10.19 -0.23
CA GLU A 42 23.03 -10.11 1.22
C GLU A 42 22.18 -8.92 1.68
N LEU A 43 22.02 -7.92 0.83
CA LEU A 43 21.16 -6.81 1.20
C LEU A 43 19.73 -7.35 1.26
N ARG A 44 19.39 -8.26 0.34
CA ARG A 44 18.07 -8.90 0.30
C ARG A 44 17.84 -9.75 1.53
N ASN A 45 18.89 -10.27 2.12
CA ASN A 45 18.74 -11.12 3.30
C ASN A 45 18.66 -10.35 4.59
N ILE A 46 19.23 -9.16 4.63
CA ILE A 46 19.14 -8.34 5.84
C ILE A 46 17.76 -7.68 5.80
N ILE A 47 17.39 -7.10 4.66
CA ILE A 47 16.09 -6.44 4.55
C ILE A 47 14.93 -7.41 4.52
N GLY A 48 15.04 -8.41 3.65
CA GLY A 48 13.99 -9.40 3.51
C GLY A 48 13.63 -10.17 4.76
N MET A 49 12.45 -10.79 4.73
CA MET A 49 11.94 -11.60 5.84
C MET A 49 11.84 -13.07 5.42
N ASP A 50 12.30 -13.95 6.30
CA ASP A 50 12.31 -15.38 6.03
C ASP A 50 11.08 -16.08 6.58
N LYS A 51 10.93 -15.99 7.89
CA LYS A 51 9.80 -16.59 8.58
C LYS A 51 9.10 -15.41 9.19
N PRO A 52 7.89 -15.63 9.73
CA PRO A 52 7.07 -14.60 10.37
C PRO A 52 7.80 -13.80 11.45
N LEU A 53 7.64 -12.49 11.39
CA LEU A 53 8.23 -11.59 12.37
C LEU A 53 7.02 -11.08 13.16
N SER A 54 6.80 -9.77 13.14
CA SER A 54 5.67 -9.12 13.79
C SER A 54 5.48 -7.81 13.01
N LEU A 55 4.50 -6.99 13.40
CA LEU A 55 4.30 -5.75 12.68
C LEU A 55 5.46 -4.82 12.98
N PRO A 56 5.77 -4.56 14.27
CA PRO A 56 6.89 -3.69 14.66
C PRO A 56 8.20 -4.28 14.15
N GLY A 57 8.23 -5.60 14.00
CA GLY A 57 9.43 -6.26 13.49
C GLY A 57 9.61 -5.94 12.03
N PHE A 58 8.55 -6.07 11.27
CA PHE A 58 8.56 -5.78 9.84
C PHE A 58 8.82 -4.28 9.60
N LEU A 59 8.14 -3.44 10.35
CA LEU A 59 8.30 -2.00 10.20
C LEU A 59 9.73 -1.52 10.38
N ALA A 60 10.51 -2.29 11.15
CA ALA A 60 11.90 -1.95 11.42
C ALA A 60 12.80 -2.11 10.22
N LYS A 61 12.48 -3.05 9.35
CA LYS A 61 13.30 -3.29 8.18
C LYS A 61 13.47 -2.03 7.33
N PHE A 62 12.53 -1.09 7.42
CA PHE A 62 12.67 0.12 6.63
C PHE A 62 13.88 0.92 7.03
N ASP A 63 14.26 0.80 8.30
CA ASP A 63 15.40 1.53 8.86
C ASP A 63 16.69 1.23 8.13
N TYR A 64 16.82 0.01 7.64
CA TYR A 64 18.02 -0.36 6.93
C TYR A 64 18.28 0.48 5.70
N TYR A 65 17.22 0.91 5.03
CA TYR A 65 17.35 1.64 3.76
C TYR A 65 16.70 3.00 3.52
N MET A 66 15.66 3.34 4.26
CA MET A 66 15.04 4.63 4.02
C MET A 66 16.00 5.83 4.02
N PRO A 67 16.98 5.85 4.93
CA PRO A 67 17.91 6.99 4.98
C PRO A 67 18.62 7.29 3.67
N VAL A 68 18.75 6.27 2.84
CA VAL A 68 19.43 6.35 1.56
C VAL A 68 18.62 7.08 0.47
N ILE A 69 17.28 6.98 0.54
CA ILE A 69 16.36 7.62 -0.42
C ILE A 69 15.97 9.01 0.02
N ALA A 70 15.47 9.10 1.25
CA ALA A 70 15.01 10.36 1.83
C ALA A 70 15.95 11.52 1.60
N GLY A 71 15.36 12.65 1.25
CA GLY A 71 16.11 13.85 1.03
C GLY A 71 16.86 13.93 -0.27
N CYS A 72 16.70 12.98 -1.19
CA CYS A 72 17.41 13.05 -2.48
C CYS A 72 16.45 13.06 -3.66
N ARG A 73 16.23 14.23 -4.23
CA ARG A 73 15.33 14.38 -5.37
C ARG A 73 15.52 13.29 -6.42
N GLU A 74 16.74 13.14 -6.92
CA GLU A 74 17.06 12.13 -7.93
C GLU A 74 16.59 10.74 -7.51
N ALA A 75 16.69 10.43 -6.21
CA ALA A 75 16.29 9.12 -5.68
C ALA A 75 14.77 8.93 -5.63
N ILE A 76 14.06 9.91 -5.08
CA ILE A 76 12.63 9.85 -4.97
C ILE A 76 12.00 9.76 -6.36
N LYS A 77 12.49 10.54 -7.30
CA LYS A 77 11.97 10.47 -8.66
C LYS A 77 12.25 9.11 -9.31
N ARG A 78 13.46 8.57 -9.13
CA ARG A 78 13.84 7.30 -9.73
C ARG A 78 13.08 6.08 -9.21
N ILE A 79 12.86 5.98 -7.91
CA ILE A 79 12.14 4.83 -7.38
C ILE A 79 10.69 4.80 -7.90
N ALA A 80 10.14 5.99 -8.14
CA ALA A 80 8.79 6.12 -8.65
C ALA A 80 8.74 5.59 -10.10
N TYR A 81 9.66 6.07 -10.94
CA TYR A 81 9.70 5.60 -12.32
C TYR A 81 9.90 4.10 -12.34
N GLU A 82 10.86 3.64 -11.55
CA GLU A 82 11.16 2.22 -11.50
C GLU A 82 10.03 1.34 -10.97
N PHE A 83 9.10 1.91 -10.21
CA PHE A 83 8.01 1.13 -9.66
C PHE A 83 7.01 0.76 -10.75
N VAL A 84 6.75 1.73 -11.61
CA VAL A 84 5.83 1.53 -12.71
C VAL A 84 6.39 0.41 -13.59
N GLU A 85 7.70 0.47 -13.83
CA GLU A 85 8.42 -0.51 -14.61
C GLU A 85 8.19 -1.91 -14.04
N MET A 86 8.34 -2.02 -12.72
CA MET A 86 8.14 -3.27 -11.99
C MET A 86 6.72 -3.79 -12.19
N LYS A 87 5.74 -2.93 -11.98
CA LYS A 87 4.33 -3.32 -12.10
C LYS A 87 3.92 -3.68 -13.52
N ALA A 88 4.47 -2.97 -14.50
CA ALA A 88 4.20 -3.22 -15.90
C ALA A 88 4.59 -4.66 -16.23
N LYS A 89 5.77 -5.05 -15.77
CA LYS A 89 6.25 -6.41 -16.00
C LYS A 89 5.41 -7.48 -15.30
N GLU A 90 4.73 -7.12 -14.22
CA GLU A 90 3.92 -8.11 -13.51
C GLU A 90 2.57 -8.28 -14.19
N GLY A 91 2.34 -7.50 -15.24
CA GLY A 91 1.06 -7.55 -15.94
C GLY A 91 -0.06 -6.85 -15.18
N VAL A 92 0.25 -5.72 -14.55
CA VAL A 92 -0.71 -4.90 -13.82
C VAL A 92 -1.01 -3.72 -14.74
N VAL A 93 -2.29 -3.47 -14.99
CA VAL A 93 -2.66 -2.35 -15.87
C VAL A 93 -3.08 -1.11 -15.10
N TYR A 94 -3.45 -1.30 -13.85
CA TYR A 94 -3.80 -0.18 -12.98
C TYR A 94 -3.28 -0.44 -11.56
N VAL A 95 -2.67 0.57 -10.96
CA VAL A 95 -2.15 0.45 -9.59
C VAL A 95 -2.32 1.73 -8.79
N GLU A 96 -2.46 1.56 -7.50
CA GLU A 96 -2.52 2.67 -6.59
C GLU A 96 -1.34 2.45 -5.65
N VAL A 97 -0.33 3.35 -5.71
CA VAL A 97 0.86 3.26 -4.86
C VAL A 97 0.61 4.17 -3.67
N ARG A 98 1.08 3.78 -2.49
CA ARG A 98 0.93 4.63 -1.33
C ARG A 98 2.28 4.82 -0.69
N TYR A 99 2.44 5.94 0.00
CA TYR A 99 3.68 6.24 0.71
C TYR A 99 3.45 7.43 1.62
N SER A 100 4.37 7.68 2.54
CA SER A 100 4.26 8.85 3.40
C SER A 100 5.18 9.88 2.83
N PRO A 101 4.66 11.07 2.53
CA PRO A 101 5.52 12.12 1.96
C PRO A 101 6.54 12.61 2.99
N HIS A 102 6.13 12.66 4.26
CA HIS A 102 6.99 13.12 5.32
C HIS A 102 8.23 12.27 5.55
N LEU A 103 8.07 10.95 5.59
CA LEU A 103 9.20 10.03 5.80
C LEU A 103 10.23 10.07 4.69
N LEU A 104 10.00 10.87 3.66
CA LEU A 104 10.98 10.95 2.57
C LEU A 104 11.56 12.37 2.46
N ALA A 105 10.99 13.31 3.19
CA ALA A 105 11.44 14.71 3.18
C ALA A 105 12.61 15.02 4.13
N ASN A 106 13.15 16.23 4.06
CA ASN A 106 14.23 16.63 4.95
C ASN A 106 14.16 18.11 5.29
N SER A 107 13.00 18.73 5.10
CA SER A 107 12.83 20.15 5.37
C SER A 107 11.37 20.27 5.70
N LYS A 108 11.04 21.17 6.61
CA LYS A 108 9.66 21.36 7.01
C LYS A 108 8.98 20.11 7.61
N VAL A 109 9.76 19.22 8.21
CA VAL A 109 9.20 18.02 8.83
C VAL A 109 9.67 18.03 10.26
N ASP A 110 8.83 17.59 11.18
CA ASP A 110 9.20 17.56 12.58
C ASP A 110 8.37 16.46 13.24
N PRO A 111 9.02 15.46 13.84
CA PRO A 111 10.47 15.27 13.95
C PRO A 111 11.13 14.81 12.67
N MET A 112 12.40 15.19 12.51
CA MET A 112 13.20 14.88 11.34
C MET A 112 13.41 13.38 11.19
N PRO A 113 12.83 12.79 10.14
CA PRO A 113 12.99 11.35 9.94
C PRO A 113 14.45 10.97 9.69
N TRP A 114 14.85 9.80 10.15
CA TRP A 114 16.19 9.26 9.89
C TRP A 114 17.45 10.07 10.31
N ASN A 115 17.31 11.00 11.23
CA ASN A 115 18.44 11.83 11.66
C ASN A 115 19.04 12.57 10.48
N GLN A 116 18.19 13.17 9.67
CA GLN A 116 18.67 13.94 8.54
C GLN A 116 19.05 15.35 8.97
N THR A 117 19.70 16.04 8.06
CA THR A 117 20.15 17.40 8.27
C THR A 117 19.30 18.24 7.33
N GLU A 118 18.76 19.35 7.83
CA GLU A 118 17.93 20.27 7.04
C GLU A 118 18.35 20.36 5.57
N GLY A 119 17.39 20.18 4.67
CA GLY A 119 17.68 20.26 3.26
C GLY A 119 16.61 21.12 2.60
N ASP A 120 16.31 20.84 1.35
CA ASP A 120 15.31 21.59 0.60
C ASP A 120 14.18 20.71 0.08
N VAL A 121 14.22 19.41 0.40
CA VAL A 121 13.21 18.47 -0.03
C VAL A 121 12.10 18.48 0.97
N THR A 122 11.13 19.35 0.73
CA THR A 122 9.94 19.57 1.54
C THR A 122 8.87 18.48 1.23
N PRO A 123 7.97 18.16 2.19
CA PRO A 123 6.94 17.13 1.95
C PRO A 123 6.15 17.36 0.66
N ASP A 124 5.92 18.62 0.32
CA ASP A 124 5.22 18.94 -0.89
C ASP A 124 6.09 18.43 -2.03
N ASP A 125 7.37 18.81 -2.01
CA ASP A 125 8.33 18.42 -3.04
C ASP A 125 8.34 16.94 -3.30
N VAL A 126 8.23 16.13 -2.26
CA VAL A 126 8.26 14.70 -2.51
C VAL A 126 7.02 14.22 -3.28
N VAL A 127 5.86 14.82 -3.01
CA VAL A 127 4.66 14.46 -3.73
C VAL A 127 4.87 14.82 -5.20
N ASP A 128 5.26 16.07 -5.48
CA ASP A 128 5.51 16.51 -6.85
C ASP A 128 6.56 15.64 -7.57
N LEU A 129 7.64 15.32 -6.87
CA LEU A 129 8.72 14.48 -7.39
C LEU A 129 8.23 13.07 -7.74
N VAL A 130 7.37 12.50 -6.92
CA VAL A 130 6.85 11.16 -7.17
C VAL A 130 5.89 11.20 -8.35
N ASN A 131 5.09 12.27 -8.42
CA ASN A 131 4.14 12.44 -9.53
C ASN A 131 4.94 12.39 -10.83
N GLN A 132 5.95 13.23 -10.96
CA GLN A 132 6.81 13.24 -12.16
C GLN A 132 7.39 11.86 -12.51
N GLY A 133 7.74 11.10 -11.49
CA GLY A 133 8.30 9.79 -11.73
C GLY A 133 7.23 8.84 -12.20
N LEU A 134 6.07 8.89 -11.55
CA LEU A 134 4.94 8.03 -11.91
C LEU A 134 4.43 8.37 -13.31
N GLN A 135 4.25 9.65 -13.58
CA GLN A 135 3.79 10.12 -14.89
C GLN A 135 4.76 9.64 -15.99
N GLU A 136 6.05 9.85 -15.80
CA GLU A 136 7.03 9.39 -16.77
C GLU A 136 6.99 7.87 -16.99
N GLY A 137 6.71 7.11 -15.95
CA GLY A 137 6.64 5.66 -16.12
C GLY A 137 5.37 5.22 -16.83
N GLU A 138 4.30 5.97 -16.67
CA GLU A 138 3.04 5.65 -17.31
C GLU A 138 3.23 5.70 -18.81
N GLN A 139 3.88 6.77 -19.26
CA GLN A 139 4.11 6.96 -20.68
C GLN A 139 5.04 5.93 -21.24
N ALA A 140 6.09 5.61 -20.51
CA ALA A 140 7.06 4.64 -20.98
C ALA A 140 6.64 3.18 -20.96
N PHE A 141 5.78 2.80 -20.03
CA PHE A 141 5.40 1.40 -19.94
C PHE A 141 3.97 1.16 -20.21
N GLY A 142 3.24 2.23 -20.45
CA GLY A 142 1.83 2.10 -20.78
C GLY A 142 0.80 1.69 -19.74
N ILE A 143 1.03 1.91 -18.46
CA ILE A 143 0.01 1.56 -17.47
C ILE A 143 -0.49 2.79 -16.73
N LYS A 144 -1.63 2.65 -16.07
CA LYS A 144 -2.19 3.76 -15.32
C LYS A 144 -1.80 3.53 -13.85
N VAL A 145 -1.22 4.56 -13.25
CA VAL A 145 -0.77 4.50 -11.87
C VAL A 145 -1.30 5.73 -11.13
N ARG A 146 -1.83 5.52 -9.94
CA ARG A 146 -2.35 6.63 -9.16
C ARG A 146 -1.71 6.45 -7.80
N SER A 147 -1.78 7.48 -6.96
CA SER A 147 -1.16 7.39 -5.66
C SER A 147 -2.03 7.76 -4.46
N ILE A 148 -1.58 7.32 -3.30
CA ILE A 148 -2.28 7.56 -2.04
C ILE A 148 -1.27 8.04 -1.02
N LEU A 149 -1.61 9.08 -0.29
CA LEU A 149 -0.71 9.59 0.73
C LEU A 149 -1.09 8.99 2.08
N CYS A 150 -0.11 8.58 2.86
CA CYS A 150 -0.35 7.95 4.15
C CYS A 150 -0.14 8.82 5.36
N CYS A 151 -1.05 8.68 6.31
CA CYS A 151 -0.98 9.36 7.59
C CYS A 151 -0.24 8.30 8.37
N MET A 152 0.57 8.70 9.32
CA MET A 152 1.32 7.74 10.08
C MET A 152 0.70 7.72 11.44
N ARG A 153 0.36 6.51 11.91
CA ARG A 153 -0.29 6.30 13.20
C ARG A 153 0.33 6.99 14.41
N HIS A 154 1.65 6.98 14.48
CA HIS A 154 2.37 7.58 15.59
C HIS A 154 2.59 9.09 15.46
N GLN A 155 2.24 9.67 14.32
CA GLN A 155 2.42 11.11 14.07
C GLN A 155 1.19 11.80 13.53
N PRO A 156 0.16 11.95 14.35
CA PRO A 156 -1.03 12.63 13.84
C PRO A 156 -0.80 14.10 13.54
N SER A 157 0.35 14.64 13.94
CA SER A 157 0.63 16.05 13.67
C SER A 157 0.82 16.25 12.17
N TRP A 158 1.14 15.16 11.50
CA TRP A 158 1.35 15.21 10.07
C TRP A 158 0.06 15.12 9.25
N SER A 159 -0.94 14.42 9.76
CA SER A 159 -2.22 14.19 9.08
C SER A 159 -2.96 15.36 8.42
N LEU A 160 -3.08 16.50 9.10
CA LEU A 160 -3.78 17.60 8.45
C LEU A 160 -3.02 18.06 7.22
N GLU A 161 -1.71 17.85 7.20
CA GLU A 161 -0.97 18.25 6.02
C GLU A 161 -1.12 17.22 4.93
N VAL A 162 -1.25 15.95 5.29
CA VAL A 162 -1.43 14.93 4.27
C VAL A 162 -2.71 15.28 3.55
N LEU A 163 -3.71 15.72 4.30
CA LEU A 163 -4.98 16.12 3.71
C LEU A 163 -4.83 17.26 2.73
N GLU A 164 -4.04 18.28 3.08
CA GLU A 164 -3.86 19.41 2.17
C GLU A 164 -3.09 18.99 0.93
N LEU A 165 -2.20 18.02 1.11
CA LEU A 165 -1.40 17.53 0.00
C LEU A 165 -2.29 16.76 -0.97
N CYS A 166 -3.29 16.08 -0.44
CA CYS A 166 -4.23 15.31 -1.24
C CYS A 166 -5.13 16.25 -2.03
N LYS A 167 -5.40 17.43 -1.45
CA LYS A 167 -6.22 18.45 -2.09
C LYS A 167 -5.44 19.15 -3.19
N LYS A 168 -4.22 19.57 -2.88
CA LYS A 168 -3.43 20.23 -3.88
C LYS A 168 -3.19 19.31 -5.06
N TYR A 169 -2.88 18.05 -4.80
CA TYR A 169 -2.60 17.11 -5.89
C TYR A 169 -3.76 16.21 -6.29
N ASN A 170 -4.97 16.70 -6.12
CA ASN A 170 -6.16 15.93 -6.44
C ASN A 170 -6.19 15.58 -7.95
N GLN A 171 -6.14 14.28 -8.22
CA GLN A 171 -6.17 13.69 -9.56
C GLN A 171 -4.85 13.81 -10.36
N LYS A 172 -3.99 14.71 -9.91
CA LYS A 172 -2.67 14.92 -10.48
C LYS A 172 -1.94 13.84 -9.66
N THR A 173 -2.37 12.61 -9.94
CA THR A 173 -1.99 11.36 -9.33
C THR A 173 -2.64 11.09 -7.99
N VAL A 174 -2.66 12.05 -7.06
CA VAL A 174 -3.24 11.73 -5.74
C VAL A 174 -4.70 11.47 -5.73
N VAL A 175 -5.09 10.27 -5.31
CA VAL A 175 -6.48 9.91 -5.27
C VAL A 175 -7.08 9.60 -3.92
N ALA A 176 -6.25 9.35 -2.91
CA ALA A 176 -6.78 9.05 -1.58
C ALA A 176 -5.81 9.27 -0.43
N MET A 177 -6.29 9.00 0.77
CA MET A 177 -5.54 9.15 2.00
C MET A 177 -5.57 7.79 2.70
N ASP A 178 -4.42 7.38 3.23
CA ASP A 178 -4.33 6.12 3.97
C ASP A 178 -3.90 6.43 5.40
N LEU A 179 -4.14 5.51 6.34
CA LEU A 179 -3.69 5.67 7.72
C LEU A 179 -2.85 4.42 7.85
N ALA A 180 -1.55 4.61 7.95
CA ALA A 180 -0.62 3.50 8.01
C ALA A 180 0.22 3.49 9.27
N GLY A 181 1.08 2.48 9.39
CA GLY A 181 1.95 2.39 10.53
C GLY A 181 1.67 1.29 11.53
N ASP A 182 2.22 1.49 12.71
CA ASP A 182 2.07 0.52 13.76
C ASP A 182 0.65 0.50 14.30
N GLU A 183 -0.12 -0.48 13.85
CA GLU A 183 -1.50 -0.60 14.30
C GLU A 183 -1.58 -0.92 15.77
N THR A 184 -0.51 -1.46 16.34
CA THR A 184 -0.52 -1.85 17.75
C THR A 184 -0.58 -0.73 18.78
N ILE A 185 -0.38 0.50 18.33
CA ILE A 185 -0.44 1.66 19.19
C ILE A 185 -1.88 1.87 19.65
N GLU A 186 -2.16 1.49 20.90
CA GLU A 186 -3.46 1.63 21.54
C GLU A 186 -4.17 2.95 21.20
N GLY A 187 -5.37 2.85 20.63
CA GLY A 187 -6.17 4.01 20.27
C GLY A 187 -5.62 4.93 19.20
N SER A 188 -4.56 4.52 18.51
CA SER A 188 -3.95 5.35 17.48
C SER A 188 -4.90 5.76 16.38
N SER A 189 -6.05 5.10 16.31
CA SER A 189 -7.07 5.41 15.29
C SER A 189 -7.86 6.62 15.70
N LEU A 190 -8.04 6.78 17.01
CA LEU A 190 -8.78 7.89 17.56
C LEU A 190 -8.03 9.19 17.84
N PHE A 191 -6.71 9.21 17.62
CA PHE A 191 -5.92 10.43 17.85
C PHE A 191 -6.58 11.56 17.09
N PRO A 192 -6.76 12.73 17.73
CA PRO A 192 -7.38 13.88 17.07
C PRO A 192 -6.89 14.23 15.67
N GLY A 193 -5.58 14.22 15.46
CA GLY A 193 -5.07 14.57 14.13
C GLY A 193 -5.67 13.70 13.04
N HIS A 194 -5.71 12.40 13.32
CA HIS A 194 -6.23 11.44 12.36
C HIS A 194 -7.70 11.67 12.17
N VAL A 195 -8.42 11.77 13.28
CA VAL A 195 -9.86 12.00 13.24
C VAL A 195 -10.23 13.27 12.46
N GLU A 196 -9.49 14.36 12.67
CA GLU A 196 -9.77 15.62 11.94
C GLU A 196 -9.41 15.59 10.48
N ALA A 197 -8.33 14.91 10.14
CA ALA A 197 -7.89 14.80 8.76
C ALA A 197 -8.95 14.05 8.01
N TYR A 198 -9.49 13.00 8.63
CA TYR A 198 -10.52 12.21 7.98
C TYR A 198 -11.88 12.91 7.90
N GLU A 199 -12.20 13.73 8.91
CA GLU A 199 -13.46 14.49 8.90
C GLU A 199 -13.32 15.45 7.71
N GLY A 200 -12.10 15.95 7.54
CA GLY A 200 -11.84 16.84 6.43
C GLY A 200 -11.83 16.14 5.09
N ALA A 201 -11.40 14.88 5.04
CA ALA A 201 -11.37 14.16 3.77
C ALA A 201 -12.78 14.01 3.30
N VAL A 202 -13.68 13.82 4.24
CA VAL A 202 -15.08 13.65 3.91
C VAL A 202 -15.65 14.93 3.31
N LYS A 203 -15.52 16.05 4.00
CA LYS A 203 -16.07 17.30 3.49
C LYS A 203 -15.46 17.82 2.19
N ASN A 204 -14.29 17.32 1.81
CA ASN A 204 -13.66 17.77 0.58
C ASN A 204 -13.70 16.68 -0.46
N GLY A 205 -14.40 15.59 -0.15
CA GLY A 205 -14.51 14.49 -1.09
C GLY A 205 -13.23 13.76 -1.49
N ILE A 206 -12.29 13.67 -0.55
CA ILE A 206 -11.02 12.98 -0.76
C ILE A 206 -11.28 11.54 -0.33
N HIS A 207 -10.90 10.61 -1.18
CA HIS A 207 -11.11 9.21 -0.89
C HIS A 207 -10.33 8.72 0.32
N ARG A 208 -10.90 7.75 1.02
CA ARG A 208 -10.29 7.23 2.22
C ARG A 208 -10.09 5.74 2.22
N THR A 209 -8.96 5.33 2.76
CA THR A 209 -8.62 3.93 2.92
C THR A 209 -7.87 3.89 4.26
N VAL A 210 -8.01 2.81 5.02
CA VAL A 210 -7.37 2.73 6.33
C VAL A 210 -6.88 1.31 6.63
N HIS A 211 -5.62 1.19 7.04
CA HIS A 211 -5.05 -0.12 7.40
C HIS A 211 -5.73 -0.50 8.70
N ALA A 212 -6.40 -1.65 8.77
CA ALA A 212 -7.08 -2.04 10.02
C ALA A 212 -7.36 -3.52 10.05
N GLY A 213 -7.24 -4.14 11.22
CA GLY A 213 -7.51 -5.56 11.34
C GLY A 213 -6.44 -6.47 10.78
N GLU A 214 -5.26 -5.91 10.51
CA GLU A 214 -4.15 -6.70 10.01
C GLU A 214 -3.68 -7.47 11.24
N VAL A 215 -3.70 -6.78 12.36
CA VAL A 215 -3.25 -7.35 13.61
C VAL A 215 -4.16 -6.93 14.81
N GLY A 216 -4.80 -5.77 14.71
CA GLY A 216 -5.68 -5.33 15.78
C GLY A 216 -6.97 -6.14 15.81
N SER A 217 -7.81 -5.87 16.80
CA SER A 217 -9.07 -6.59 16.93
C SER A 217 -10.12 -5.99 15.99
N PRO A 218 -11.36 -6.54 15.98
CA PRO A 218 -12.44 -6.04 15.12
C PRO A 218 -12.84 -4.59 15.42
N GLU A 219 -12.61 -4.17 16.64
CA GLU A 219 -12.97 -2.83 17.05
C GLU A 219 -12.22 -1.78 16.26
N VAL A 220 -10.97 -2.05 15.92
CA VAL A 220 -10.20 -1.09 15.16
C VAL A 220 -10.82 -0.95 13.76
N VAL A 221 -11.42 -2.03 13.27
CA VAL A 221 -12.06 -2.03 11.96
C VAL A 221 -13.36 -1.24 12.12
N ARG A 222 -14.02 -1.39 13.25
CA ARG A 222 -15.24 -0.66 13.49
C ARG A 222 -14.95 0.84 13.60
N GLU A 223 -13.82 1.20 14.20
CA GLU A 223 -13.47 2.62 14.31
C GLU A 223 -13.18 3.21 12.92
N ALA A 224 -12.44 2.46 12.09
CA ALA A 224 -12.10 2.88 10.73
C ALA A 224 -13.36 3.10 9.89
N VAL A 225 -14.26 2.11 9.94
CA VAL A 225 -15.51 2.17 9.19
C VAL A 225 -16.48 3.22 9.75
N ASP A 226 -16.78 3.13 11.04
CA ASP A 226 -17.72 4.07 11.62
C ASP A 226 -17.23 5.45 11.94
N ILE A 227 -16.01 5.58 12.45
CA ILE A 227 -15.53 6.89 12.82
C ILE A 227 -14.71 7.63 11.77
N LEU A 228 -13.80 6.93 11.10
CA LEU A 228 -12.96 7.56 10.08
C LEU A 228 -13.60 7.60 8.69
N LYS A 229 -14.67 6.84 8.53
CA LYS A 229 -15.41 6.77 7.27
C LYS A 229 -14.64 6.17 6.12
N THR A 230 -13.93 5.07 6.36
CA THR A 230 -13.18 4.46 5.27
C THR A 230 -14.09 3.93 4.22
N GLU A 231 -13.62 4.05 2.99
CA GLU A 231 -14.32 3.54 1.84
C GLU A 231 -13.77 2.11 1.58
N ARG A 232 -12.56 1.84 2.08
CA ARG A 232 -11.90 0.53 1.95
C ARG A 232 -11.11 0.21 3.25
N VAL A 233 -10.77 -1.06 3.43
CA VAL A 233 -10.03 -1.49 4.61
C VAL A 233 -8.80 -2.26 4.16
N GLY A 234 -7.62 -1.77 4.55
CA GLY A 234 -6.39 -2.46 4.20
C GLY A 234 -6.28 -3.67 5.12
N HIS A 235 -6.29 -4.87 4.55
CA HIS A 235 -6.22 -6.10 5.34
C HIS A 235 -7.58 -6.53 5.90
N GLY A 236 -7.95 -6.06 7.08
CA GLY A 236 -9.23 -6.40 7.68
C GLY A 236 -9.42 -7.86 8.04
N TYR A 237 -8.32 -8.59 8.14
CA TYR A 237 -8.39 -10.03 8.41
C TYR A 237 -9.15 -10.43 9.67
N HIS A 238 -9.17 -9.58 10.68
CA HIS A 238 -9.81 -9.91 11.95
C HIS A 238 -11.27 -9.56 12.02
N THR A 239 -11.78 -8.95 10.97
CA THR A 239 -13.17 -8.57 10.99
C THR A 239 -14.07 -9.79 11.23
N ILE A 240 -13.66 -10.95 10.73
CA ILE A 240 -14.48 -12.16 10.84
C ILE A 240 -14.74 -12.58 12.29
N GLU A 241 -13.91 -12.07 13.20
CA GLU A 241 -14.07 -12.37 14.62
C GLU A 241 -15.32 -11.74 15.20
N ASP A 242 -15.91 -10.81 14.48
CA ASP A 242 -17.12 -10.13 14.92
C ASP A 242 -18.12 -10.36 13.80
N GLU A 243 -18.82 -11.50 13.86
CA GLU A 243 -19.80 -11.87 12.83
C GLU A 243 -20.80 -10.77 12.51
N ALA A 244 -21.16 -9.98 13.51
CA ALA A 244 -22.08 -8.88 13.31
C ALA A 244 -21.44 -7.85 12.37
N LEU A 245 -20.25 -7.35 12.76
CA LEU A 245 -19.49 -6.35 12.00
C LEU A 245 -19.26 -6.87 10.59
N TYR A 246 -18.61 -8.02 10.53
CA TYR A 246 -18.30 -8.63 9.27
C TYR A 246 -19.51 -8.64 8.38
N ASN A 247 -20.57 -9.32 8.82
CA ASN A 247 -21.77 -9.39 8.01
C ASN A 247 -22.31 -8.04 7.61
N ARG A 248 -22.26 -7.06 8.48
CA ARG A 248 -22.75 -5.75 8.12
C ARG A 248 -21.88 -5.18 6.98
N LEU A 249 -20.57 -5.32 7.12
CA LEU A 249 -19.65 -4.82 6.11
C LEU A 249 -19.85 -5.56 4.81
N LEU A 250 -20.15 -6.85 4.93
CA LEU A 250 -20.36 -7.73 3.79
C LEU A 250 -21.56 -7.22 2.98
N LYS A 251 -22.62 -6.83 3.69
CA LYS A 251 -23.82 -6.29 3.08
C LYS A 251 -23.57 -4.89 2.49
N GLU A 252 -22.61 -4.15 3.06
CA GLU A 252 -22.33 -2.83 2.53
C GLU A 252 -21.38 -2.86 1.34
N ASN A 253 -20.89 -4.06 0.99
CA ASN A 253 -19.97 -4.24 -0.13
C ASN A 253 -18.62 -3.61 0.12
N MET A 254 -18.22 -3.61 1.39
CA MET A 254 -16.94 -3.05 1.81
C MET A 254 -15.83 -3.78 1.12
N HIS A 255 -14.90 -3.04 0.54
CA HIS A 255 -13.76 -3.64 -0.13
C HIS A 255 -12.65 -3.91 0.89
N PHE A 256 -12.07 -5.11 0.90
CA PHE A 256 -10.97 -5.43 1.81
C PHE A 256 -9.74 -5.63 0.95
N GLU A 257 -8.66 -4.88 1.22
CA GLU A 257 -7.41 -4.98 0.46
C GLU A 257 -6.54 -6.06 1.10
N VAL A 258 -6.62 -7.26 0.56
CA VAL A 258 -5.89 -8.41 1.07
C VAL A 258 -4.48 -8.53 0.53
N CYS A 259 -3.58 -9.04 1.37
CA CYS A 259 -2.17 -9.26 1.00
C CYS A 259 -1.85 -10.57 1.71
N PRO A 260 -2.14 -11.71 1.06
CA PRO A 260 -1.90 -13.04 1.64
C PRO A 260 -0.50 -13.28 2.22
N TRP A 261 0.50 -13.26 1.35
CA TRP A 261 1.86 -13.48 1.75
C TRP A 261 2.20 -12.62 2.95
N SER A 262 1.86 -11.34 2.84
CA SER A 262 2.10 -10.37 3.88
C SER A 262 1.58 -10.83 5.23
N SER A 263 0.32 -11.27 5.30
CA SER A 263 -0.24 -11.70 6.58
C SER A 263 0.53 -12.81 7.23
N TYR A 264 1.05 -13.72 6.42
CA TYR A 264 1.80 -14.84 6.94
C TYR A 264 3.14 -14.38 7.49
N LEU A 265 3.77 -13.47 6.77
CA LEU A 265 5.08 -12.96 7.16
C LEU A 265 5.10 -11.96 8.32
N THR A 266 3.99 -11.28 8.60
CA THR A 266 3.98 -10.34 9.71
C THR A 266 3.37 -11.00 10.93
N GLY A 267 3.07 -12.29 10.83
CA GLY A 267 2.44 -12.97 11.94
C GLY A 267 1.01 -12.48 12.11
N ALA A 268 0.49 -11.79 11.10
CA ALA A 268 -0.88 -11.26 11.10
C ALA A 268 -1.85 -12.44 10.95
N TRP A 269 -1.40 -13.45 10.21
CA TRP A 269 -2.17 -14.67 9.97
C TRP A 269 -1.44 -15.89 10.57
N ASP A 270 -2.09 -16.56 11.53
CA ASP A 270 -1.52 -17.77 12.15
C ASP A 270 -1.70 -18.92 11.15
N PRO A 271 -0.60 -19.45 10.62
CA PRO A 271 -0.67 -20.56 9.65
C PRO A 271 -1.56 -21.72 10.10
N LYS A 272 -1.84 -21.78 11.41
CA LYS A 272 -2.67 -22.85 11.97
C LYS A 272 -4.19 -22.60 11.92
N THR A 273 -4.61 -21.49 11.32
CA THR A 273 -6.03 -21.15 11.19
C THR A 273 -6.32 -20.79 9.72
N THR A 274 -7.56 -21.04 9.30
CA THR A 274 -7.95 -20.74 7.92
C THR A 274 -7.79 -19.25 7.63
N HIS A 275 -7.26 -18.93 6.46
CA HIS A 275 -7.07 -17.54 6.12
C HIS A 275 -8.42 -16.83 5.89
N ALA A 276 -8.56 -15.65 6.45
CA ALA A 276 -9.78 -14.87 6.28
C ALA A 276 -10.11 -14.71 4.80
N VAL A 277 -9.11 -14.81 3.93
CA VAL A 277 -9.34 -14.66 2.51
C VAL A 277 -10.18 -15.82 1.98
N VAL A 278 -10.07 -16.99 2.59
CA VAL A 278 -10.86 -18.16 2.19
C VAL A 278 -12.33 -17.86 2.47
N ARG A 279 -12.59 -17.19 3.59
CA ARG A 279 -13.95 -16.83 3.93
C ARG A 279 -14.42 -15.80 2.90
N PHE A 280 -13.69 -14.70 2.75
CA PHE A 280 -14.01 -13.64 1.78
C PHE A 280 -14.37 -14.24 0.42
N LYS A 281 -13.54 -15.18 -0.05
CA LYS A 281 -13.79 -15.82 -1.32
C LYS A 281 -15.13 -16.54 -1.32
N ASN A 282 -15.30 -17.40 -0.32
CA ASN A 282 -16.50 -18.21 -0.16
C ASN A 282 -17.80 -17.44 0.03
N ASP A 283 -17.74 -16.29 0.69
CA ASP A 283 -18.92 -15.48 0.91
C ASP A 283 -19.11 -14.51 -0.25
N LYS A 284 -18.16 -14.54 -1.18
CA LYS A 284 -18.20 -13.66 -2.36
C LYS A 284 -18.06 -12.20 -1.91
N ALA A 285 -17.09 -11.95 -1.04
CA ALA A 285 -16.81 -10.60 -0.52
C ALA A 285 -16.08 -9.77 -1.56
N ASN A 286 -16.11 -8.47 -1.36
CA ASN A 286 -15.43 -7.54 -2.24
C ASN A 286 -14.03 -7.39 -1.69
N TYR A 287 -13.04 -7.79 -2.47
CA TYR A 287 -11.66 -7.71 -2.02
C TYR A 287 -10.72 -7.73 -3.21
N SER A 288 -9.43 -7.51 -2.97
CA SER A 288 -8.42 -7.55 -4.02
C SER A 288 -7.24 -8.33 -3.45
N LEU A 289 -6.31 -8.72 -4.32
CA LEU A 289 -5.15 -9.49 -3.92
C LEU A 289 -4.00 -8.55 -4.21
N ASN A 290 -3.30 -8.15 -3.15
CA ASN A 290 -2.19 -7.21 -3.23
C ASN A 290 -0.86 -7.70 -2.67
N THR A 291 0.16 -6.95 -2.99
CA THR A 291 1.52 -7.28 -2.63
C THR A 291 2.05 -6.59 -1.34
N ASP A 292 1.51 -5.40 -1.01
CA ASP A 292 1.88 -4.59 0.19
C ASP A 292 3.32 -4.06 0.21
N ALA A 293 4.32 -4.93 0.35
CA ALA A 293 5.72 -4.48 0.39
C ALA A 293 6.63 -5.60 -0.10
N PRO A 294 6.68 -5.78 -1.41
CA PRO A 294 7.47 -6.82 -2.08
C PRO A 294 8.94 -6.90 -1.64
N LEU A 295 9.58 -5.75 -1.50
CA LEU A 295 11.00 -5.75 -1.12
C LEU A 295 11.25 -6.49 0.17
N ILE A 296 10.43 -6.21 1.18
CA ILE A 296 10.59 -6.81 2.48
C ILE A 296 10.09 -8.25 2.57
N PHE A 297 9.14 -8.64 1.73
CA PHE A 297 8.65 -10.03 1.79
C PHE A 297 9.27 -10.88 0.70
N LYS A 298 10.24 -10.30 0.00
CA LYS A 298 10.95 -10.96 -1.08
C LYS A 298 9.95 -11.60 -2.01
N SER A 299 8.82 -10.91 -2.21
CA SER A 299 7.71 -11.40 -3.03
C SER A 299 7.43 -10.61 -4.27
N THR A 300 6.50 -11.12 -5.06
CA THR A 300 6.09 -10.51 -6.30
C THR A 300 4.56 -10.70 -6.34
N LEU A 301 3.85 -9.93 -7.16
CA LEU A 301 2.40 -10.09 -7.25
C LEU A 301 2.02 -11.55 -7.50
N ASP A 302 2.84 -12.23 -8.29
CA ASP A 302 2.61 -13.64 -8.56
C ASP A 302 2.71 -14.50 -7.27
N THR A 303 3.61 -14.12 -6.37
CA THR A 303 3.76 -14.83 -5.09
C THR A 303 2.36 -15.03 -4.45
N ASP A 304 1.62 -13.95 -4.33
CA ASP A 304 0.29 -14.00 -3.74
C ASP A 304 -0.72 -14.85 -4.55
N TYR A 305 -0.67 -14.75 -5.87
CA TYR A 305 -1.58 -15.55 -6.71
C TYR A 305 -1.24 -17.02 -6.53
N GLN A 306 0.05 -17.32 -6.62
CA GLN A 306 0.51 -18.67 -6.48
C GLN A 306 0.12 -19.26 -5.14
N MET A 307 0.07 -18.41 -4.12
CA MET A 307 -0.25 -18.83 -2.76
C MET A 307 -1.72 -19.20 -2.63
N THR A 308 -2.59 -18.30 -3.08
CA THR A 308 -4.03 -18.55 -3.00
C THR A 308 -4.44 -19.69 -3.93
N LYS A 309 -3.69 -19.90 -4.99
CA LYS A 309 -3.97 -20.98 -5.92
C LYS A 309 -3.64 -22.33 -5.30
N LYS A 310 -2.37 -22.52 -4.90
CA LYS A 310 -1.93 -23.77 -4.30
C LYS A 310 -2.75 -24.11 -3.06
N ASP A 311 -2.66 -23.26 -2.05
CA ASP A 311 -3.41 -23.46 -0.82
C ASP A 311 -4.64 -22.60 -1.02
N MET A 312 -5.67 -22.77 -0.19
CA MET A 312 -6.88 -21.96 -0.31
C MET A 312 -7.74 -22.25 -1.54
N GLY A 313 -7.14 -22.88 -2.55
CA GLY A 313 -7.86 -23.24 -3.76
C GLY A 313 -8.57 -22.21 -4.61
N PHE A 314 -7.86 -21.16 -4.99
CA PHE A 314 -8.45 -20.13 -5.84
C PHE A 314 -8.38 -20.61 -7.30
N THR A 315 -9.23 -20.04 -8.15
CA THR A 315 -9.32 -20.43 -9.56
C THR A 315 -9.26 -19.20 -10.44
N GLU A 316 -9.15 -19.38 -11.75
CA GLU A 316 -9.11 -18.23 -12.64
C GLU A 316 -10.42 -17.44 -12.65
N GLU A 317 -11.54 -18.11 -12.39
CA GLU A 317 -12.83 -17.43 -12.37
C GLU A 317 -12.86 -16.47 -11.18
N GLU A 318 -12.25 -16.91 -10.09
CA GLU A 318 -12.16 -16.09 -8.88
C GLU A 318 -11.13 -14.97 -9.11
N PHE A 319 -10.00 -15.32 -9.73
CA PHE A 319 -8.96 -14.33 -10.04
C PHE A 319 -9.55 -13.21 -10.88
N LYS A 320 -10.35 -13.60 -11.88
CA LYS A 320 -11.02 -12.66 -12.74
C LYS A 320 -12.05 -11.87 -11.94
N ARG A 321 -12.77 -12.53 -11.05
CA ARG A 321 -13.77 -11.84 -10.24
C ARG A 321 -13.20 -10.75 -9.35
N LEU A 322 -12.17 -11.10 -8.56
CA LEU A 322 -11.57 -10.12 -7.65
C LEU A 322 -10.91 -8.94 -8.35
N ASN A 323 -10.34 -9.18 -9.53
CA ASN A 323 -9.74 -8.08 -10.27
C ASN A 323 -10.83 -7.12 -10.81
N ILE A 324 -12.01 -7.66 -11.06
CA ILE A 324 -13.13 -6.85 -11.52
C ILE A 324 -13.58 -6.00 -10.31
N ASN A 325 -13.70 -6.64 -9.15
CA ASN A 325 -14.09 -5.91 -7.94
C ASN A 325 -13.04 -4.86 -7.56
N ALA A 326 -11.76 -5.16 -7.80
CA ALA A 326 -10.71 -4.21 -7.50
C ALA A 326 -10.88 -2.96 -8.36
N ALA A 327 -11.21 -3.13 -9.64
CA ALA A 327 -11.41 -2.03 -10.57
C ALA A 327 -12.61 -1.20 -10.18
N LYS A 328 -13.70 -1.88 -9.82
CA LYS A 328 -14.91 -1.18 -9.40
C LYS A 328 -14.63 -0.35 -8.14
N SER A 329 -13.84 -0.92 -7.23
CA SER A 329 -13.49 -0.26 -5.97
C SER A 329 -12.28 0.69 -6.04
N SER A 330 -11.69 0.89 -7.22
CA SER A 330 -10.56 1.80 -7.36
C SER A 330 -11.07 3.21 -7.05
N PHE A 331 -10.15 4.14 -6.83
CA PHE A 331 -10.49 5.51 -6.49
C PHE A 331 -10.34 6.35 -7.76
N LEU A 332 -10.70 5.74 -8.86
CA LEU A 332 -10.60 6.36 -10.16
C LEU A 332 -11.88 7.11 -10.44
N PRO A 333 -11.78 8.22 -11.17
CA PRO A 333 -13.00 8.98 -11.49
C PRO A 333 -13.87 8.03 -12.34
N GLU A 334 -15.18 8.24 -12.32
CA GLU A 334 -16.09 7.39 -13.09
C GLU A 334 -15.65 7.11 -14.52
N GLU A 335 -15.42 8.16 -15.31
CA GLU A 335 -15.02 7.93 -16.68
C GLU A 335 -13.79 7.06 -16.82
N GLU A 336 -12.84 7.21 -15.92
CA GLU A 336 -11.66 6.40 -16.02
C GLU A 336 -11.90 5.00 -15.52
N LYS A 337 -12.77 4.89 -14.53
CA LYS A 337 -13.08 3.58 -13.98
C LYS A 337 -13.79 2.74 -15.01
N LYS A 338 -14.71 3.36 -15.76
CA LYS A 338 -15.43 2.68 -16.84
C LYS A 338 -14.40 2.17 -17.85
N GLU A 339 -13.51 3.07 -18.27
CA GLU A 339 -12.46 2.70 -19.22
C GLU A 339 -11.68 1.46 -18.73
N LEU A 340 -11.41 1.36 -17.43
CA LEU A 340 -10.68 0.21 -16.89
C LEU A 340 -11.54 -1.07 -17.03
N LEU A 341 -12.78 -0.97 -16.58
CA LEU A 341 -13.72 -2.09 -16.62
C LEU A 341 -13.86 -2.67 -18.02
N GLU A 342 -13.90 -1.77 -19.00
CA GLU A 342 -14.00 -2.16 -20.39
C GLU A 342 -12.80 -3.02 -20.75
N ARG A 343 -11.61 -2.47 -20.53
CA ARG A 343 -10.34 -3.13 -20.81
C ARG A 343 -10.25 -4.52 -20.15
N LEU A 344 -10.53 -4.60 -18.85
CA LEU A 344 -10.46 -5.92 -18.21
C LEU A 344 -11.47 -6.89 -18.86
N TYR A 345 -12.72 -6.48 -18.99
CA TYR A 345 -13.69 -7.36 -19.60
C TYR A 345 -13.25 -7.86 -20.98
N ARG A 346 -12.59 -6.99 -21.74
CA ARG A 346 -12.10 -7.32 -23.07
C ARG A 346 -11.03 -8.43 -22.97
N GLU A 347 -10.01 -8.23 -22.13
CA GLU A 347 -8.95 -9.21 -21.97
C GLU A 347 -9.31 -10.42 -21.15
N TYR A 348 -10.49 -10.41 -20.56
CA TYR A 348 -10.92 -11.55 -19.78
C TYR A 348 -11.80 -12.45 -20.62
N GLN A 349 -12.12 -11.97 -21.82
CA GLN A 349 -12.96 -12.70 -22.75
C GLN A 349 -12.12 -13.73 -23.48
#